data_5D3Z
#
_entry.id   5D3Z
#
_cell.length_a   112.544
_cell.length_b   112.544
_cell.length_c   42.780
_cell.angle_alpha   90.000
_cell.angle_beta   90.000
_cell.angle_gamma   120.000
#
_symmetry.space_group_name_H-M   'P 3 2 1'
#
loop_
_entity.id
_entity.type
_entity.pdbx_description
1 polymer 'Erythronolide synthase, modules 5 and 6'
2 non-polymer 'prop-2-en-1-ylphosphonic acid'
3 non-polymer 'PENTAETHYLENE GLYCOL'
4 non-polymer 'CALCIUM ION'
5 water water
#
_entity_poly.entity_id   1
_entity_poly.type   'polypeptide(L)'
_entity_poly.pdbx_seq_one_letter_code
;SSALRDGYRQAGVSGRVRSYLDLLAGLSDFREHFDGSDGFSLDLVDMADGPGEVTVICCAGTAAISGPHEFTRLAGALRG
IAPVRAVPQPGYEEGEPLPSSMAAVAAVQADAVIRTQGDKPFVVAGHSAGALMAYALATELLDRGHPPRGVVLIDVYPPG
HQDAMNAWLEELTATLFDRETVRMDDTRLTALGAYDRLTGQWRPRETGLPTLLVSAGEPMGPWPDDSWKPTWPFEHDTVA
VPGDHFTMVQEHADAIARHIDAWLGGGNS
;
_entity_poly.pdbx_strand_id   A
#
loop_
_chem_comp.id
_chem_comp.type
_chem_comp.name
_chem_comp.formula
1PE non-polymer 'PENTAETHYLENE GLYCOL' 'C10 H22 O6'
57H non-polymer 'prop-2-en-1-ylphosphonic acid' 'C3 H7 O3 P'
CA non-polymer 'CALCIUM ION' 'Ca 2'
#
# COMPACT_ATOMS: atom_id res chain seq x y z
N SER A 1 2.99 -24.88 6.08
CA SER A 1 3.16 -24.12 4.77
C SER A 1 2.12 -24.60 3.74
N SER A 2 2.27 -24.16 2.49
CA SER A 2 1.42 -24.61 1.40
C SER A 2 2.20 -24.61 0.11
N ALA A 3 1.65 -25.28 -0.90
CA ALA A 3 2.31 -25.36 -2.19
C ALA A 3 2.54 -23.96 -2.74
N LEU A 4 1.56 -23.08 -2.59
CA LEU A 4 1.70 -21.71 -3.12
C LEU A 4 2.77 -20.92 -2.38
N ARG A 5 2.86 -21.09 -1.06
CA ARG A 5 3.86 -20.40 -0.27
C ARG A 5 5.28 -20.93 -0.59
N ASP A 6 5.42 -22.25 -0.65
CA ASP A 6 6.72 -22.84 -0.98
C ASP A 6 7.14 -22.46 -2.38
N GLY A 7 6.21 -22.47 -3.31
CA GLY A 7 6.51 -22.08 -4.70
C GLY A 7 6.98 -20.63 -4.83
N TYR A 8 6.38 -19.76 -4.03
CA TYR A 8 6.71 -18.34 -4.03
C TYR A 8 8.12 -18.12 -3.52
N ARG A 9 8.45 -18.77 -2.43
CA ARG A 9 9.82 -18.72 -1.94
C ARG A 9 10.80 -19.24 -3.00
N GLN A 10 10.48 -20.38 -3.62
CA GLN A 10 11.34 -20.94 -4.68
C GLN A 10 11.47 -20.01 -5.89
N ALA A 11 10.40 -19.31 -6.23
CA ALA A 11 10.46 -18.31 -7.31
C ALA A 11 11.50 -17.24 -7.00
N GLY A 12 11.56 -16.79 -5.75
CA GLY A 12 12.58 -15.83 -5.35
C GLY A 12 13.97 -16.40 -5.53
N VAL A 13 14.20 -17.58 -4.96
CA VAL A 13 15.50 -18.26 -5.03
C VAL A 13 15.98 -18.52 -6.46
N SER A 14 15.06 -18.81 -7.37
N SER A 14 15.04 -18.82 -7.35
CA SER A 14 15.43 -19.19 -8.74
CA SER A 14 15.34 -19.20 -8.74
C SER A 14 15.25 -18.05 -9.74
C SER A 14 15.32 -18.04 -9.72
N GLY A 15 14.97 -16.84 -9.27
CA GLY A 15 14.88 -15.67 -10.14
C GLY A 15 13.73 -15.68 -11.13
N ARG A 16 12.59 -16.22 -10.72
CA ARG A 16 11.42 -16.32 -11.59
C ARG A 16 10.19 -15.73 -10.88
N VAL A 17 10.37 -14.61 -10.20
CA VAL A 17 9.30 -14.01 -9.40
C VAL A 17 8.17 -13.45 -10.27
N ARG A 18 8.54 -12.77 -11.35
CA ARG A 18 7.55 -12.22 -12.27
C ARG A 18 6.63 -13.34 -12.81
N SER A 19 7.22 -14.48 -13.17
CA SER A 19 6.46 -15.62 -13.65
C SER A 19 5.47 -16.13 -12.59
N TYR A 20 5.96 -16.22 -11.36
CA TYR A 20 5.13 -16.71 -10.26
C TYR A 20 4.00 -15.74 -9.94
N LEU A 21 4.28 -14.44 -9.99
CA LEU A 21 3.24 -13.43 -9.77
C LEU A 21 2.13 -13.53 -10.83
N ASP A 22 2.53 -13.79 -12.07
CA ASP A 22 1.56 -13.91 -13.16
C ASP A 22 0.71 -15.16 -12.95
N LEU A 23 1.32 -16.23 -12.44
CA LEU A 23 0.55 -17.43 -12.09
C LEU A 23 -0.46 -17.16 -10.99
N LEU A 24 -0.05 -16.47 -9.94
CA LEU A 24 -0.96 -16.13 -8.84
C LEU A 24 -2.13 -15.27 -9.33
N ALA A 25 -1.84 -14.30 -10.19
CA ALA A 25 -2.91 -13.49 -10.80
C ALA A 25 -3.89 -14.37 -11.58
N GLY A 26 -3.37 -15.28 -12.38
CA GLY A 26 -4.23 -16.19 -13.12
C GLY A 26 -5.12 -17.02 -12.21
N LEU A 27 -4.55 -17.56 -11.14
CA LEU A 27 -5.32 -18.34 -10.18
C LEU A 27 -6.41 -17.51 -9.53
N SER A 28 -6.10 -16.23 -9.27
CA SER A 28 -7.05 -15.33 -8.60
C SER A 28 -8.32 -15.11 -9.41
N ASP A 29 -8.23 -15.21 -10.74
CA ASP A 29 -9.40 -15.12 -11.61
C ASP A 29 -10.48 -16.15 -11.29
N PHE A 30 -10.12 -17.25 -10.62
CA PHE A 30 -11.10 -18.29 -10.31
C PHE A 30 -11.71 -18.16 -8.92
N ARG A 31 -11.34 -17.10 -8.21
CA ARG A 31 -11.96 -16.75 -6.94
C ARG A 31 -13.14 -15.84 -7.19
N GLU A 32 -13.96 -15.65 -6.16
CA GLU A 32 -15.09 -14.73 -6.22
C GLU A 32 -14.62 -13.27 -6.23
N HIS A 33 -15.29 -12.45 -7.05
CA HIS A 33 -14.97 -11.04 -7.15
C HIS A 33 -16.17 -10.17 -6.80
N PHE A 34 -15.90 -8.90 -6.52
CA PHE A 34 -16.91 -7.84 -6.37
C PHE A 34 -16.57 -6.73 -7.35
N ASP A 35 -17.59 -6.07 -7.90
CA ASP A 35 -17.35 -5.02 -8.90
C ASP A 35 -17.61 -3.59 -8.45
N GLY A 36 -18.03 -3.42 -7.20
CA GLY A 36 -18.28 -2.10 -6.66
C GLY A 36 -19.76 -1.74 -6.59
N SER A 37 -20.58 -2.43 -7.35
CA SER A 37 -22.01 -2.15 -7.38
C SER A 37 -22.86 -3.33 -6.87
N ASP A 38 -22.24 -4.30 -6.21
CA ASP A 38 -22.95 -5.50 -5.75
C ASP A 38 -23.16 -5.59 -4.23
N GLY A 39 -22.99 -4.48 -3.52
CA GLY A 39 -23.29 -4.47 -2.08
C GLY A 39 -22.17 -4.85 -1.12
N PHE A 40 -20.98 -5.16 -1.62
CA PHE A 40 -19.86 -5.47 -0.75
C PHE A 40 -19.44 -4.19 -0.03
N SER A 41 -19.04 -4.33 1.22
CA SER A 41 -18.59 -3.18 2.01
C SER A 41 -17.49 -3.62 2.98
N LEU A 42 -16.79 -2.66 3.53
CA LEU A 42 -15.78 -2.93 4.57
C LEU A 42 -15.70 -1.76 5.53
N ASP A 43 -14.97 -1.95 6.63
CA ASP A 43 -14.78 -0.91 7.66
C ASP A 43 -13.33 -0.52 7.75
N LEU A 44 -13.09 0.70 8.23
CA LEU A 44 -11.75 1.15 8.61
C LEU A 44 -11.39 0.59 9.99
N VAL A 45 -10.08 0.56 10.28
CA VAL A 45 -9.55 0.14 11.56
C VAL A 45 -9.07 1.40 12.27
N ASP A 46 -9.48 1.55 13.52
CA ASP A 46 -8.95 2.63 14.37
C ASP A 46 -7.60 2.20 14.92
N MET A 47 -6.57 3.00 14.63
CA MET A 47 -5.21 2.65 15.02
C MET A 47 -4.69 3.48 16.19
N ALA A 48 -5.02 4.77 16.20
CA ALA A 48 -4.55 5.70 17.22
C ALA A 48 -5.37 6.98 17.18
N ASP A 49 -5.35 7.72 18.29
CA ASP A 49 -5.95 9.04 18.34
C ASP A 49 -4.87 10.11 18.53
N GLY A 50 -5.23 11.34 18.21
CA GLY A 50 -4.32 12.46 18.30
C GLY A 50 -5.08 13.76 18.12
N PRO A 51 -4.40 14.90 18.37
CA PRO A 51 -5.03 16.19 18.23
C PRO A 51 -5.21 16.66 16.78
N GLY A 52 -5.90 17.79 16.62
CA GLY A 52 -6.08 18.42 15.32
C GLY A 52 -7.30 17.89 14.59
N GLU A 53 -7.54 18.45 13.42
CA GLU A 53 -8.73 18.12 12.66
C GLU A 53 -8.48 17.08 11.56
N VAL A 54 -7.21 16.70 11.33
CA VAL A 54 -6.85 15.88 10.17
C VAL A 54 -6.44 14.46 10.56
N THR A 55 -7.21 13.48 10.10
CA THR A 55 -6.90 12.07 10.34
C THR A 55 -5.97 11.54 9.26
N VAL A 56 -5.00 10.75 9.69
CA VAL A 56 -4.08 10.07 8.78
C VAL A 56 -4.67 8.70 8.48
N ILE A 57 -5.17 8.52 7.26
CA ILE A 57 -5.76 7.26 6.83
C ILE A 57 -4.75 6.45 6.00
N CYS A 58 -4.29 5.35 6.59
CA CYS A 58 -3.27 4.50 6.02
C CYS A 58 -3.89 3.33 5.29
N CYS A 59 -3.55 3.15 4.02
CA CYS A 59 -4.02 2.02 3.24
C CYS A 59 -3.05 0.86 3.34
N ALA A 60 -3.59 -0.33 3.63
CA ALA A 60 -2.80 -1.55 3.66
C ALA A 60 -2.13 -1.75 2.31
N GLY A 61 -1.00 -2.42 2.31
CA GLY A 61 -0.30 -2.76 1.09
C GLY A 61 -0.92 -3.95 0.38
N THR A 62 -0.24 -4.39 -0.67
CA THR A 62 -0.70 -5.48 -1.50
C THR A 62 0.21 -6.72 -1.39
N ALA A 63 1.26 -6.65 -0.59
CA ALA A 63 2.13 -7.81 -0.39
C ALA A 63 1.33 -8.93 0.29
N ALA A 64 1.78 -10.17 0.12
CA ALA A 64 1.12 -11.28 0.78
C ALA A 64 1.12 -11.17 2.31
N ILE A 65 2.00 -10.37 2.89
CA ILE A 65 2.05 -10.12 4.33
C ILE A 65 1.41 -8.77 4.74
N SER A 66 0.77 -8.09 3.81
CA SER A 66 0.26 -6.75 4.08
C SER A 66 -1.05 -6.81 4.88
N GLY A 67 -1.43 -5.67 5.41
CA GLY A 67 -2.63 -5.56 6.23
C GLY A 67 -2.52 -4.34 7.13
N PRO A 68 -3.60 -4.02 7.85
CA PRO A 68 -3.55 -2.86 8.76
C PRO A 68 -2.42 -2.90 9.79
N HIS A 69 -2.02 -4.10 10.19
CA HIS A 69 -0.87 -4.29 11.09
C HIS A 69 0.44 -3.69 10.59
N GLU A 70 0.55 -3.51 9.28
CA GLU A 70 1.70 -2.82 8.69
C GLU A 70 1.93 -1.42 9.29
N PHE A 71 0.86 -0.77 9.76
CA PHE A 71 0.94 0.57 10.31
C PHE A 71 0.88 0.67 11.84
N THR A 72 1.06 -0.46 12.52
CA THR A 72 1.05 -0.44 13.97
C THR A 72 2.18 0.44 14.50
N ARG A 73 3.39 0.30 13.96
CA ARG A 73 4.51 1.11 14.41
C ARG A 73 4.34 2.60 14.07
N LEU A 74 3.97 2.90 12.82
CA LEU A 74 3.70 4.28 12.44
C LEU A 74 2.58 4.89 13.30
N ALA A 75 1.51 4.13 13.53
CA ALA A 75 0.41 4.58 14.38
C ALA A 75 0.91 4.85 15.80
N GLY A 76 1.75 3.97 16.32
CA GLY A 76 2.33 4.14 17.65
C GLY A 76 3.09 5.45 17.77
N ALA A 77 3.85 5.77 16.73
CA ALA A 77 4.63 6.99 16.69
C ALA A 77 3.75 8.24 16.50
N LEU A 78 2.58 8.07 15.89
CA LEU A 78 1.67 9.18 15.69
C LEU A 78 0.65 9.35 16.84
N ARG A 79 0.66 8.46 17.83
CA ARG A 79 -0.31 8.58 18.91
C ARG A 79 -0.08 9.91 19.64
N GLY A 80 -1.14 10.67 19.83
CA GLY A 80 -1.04 12.00 20.42
C GLY A 80 -0.50 13.06 19.48
N ILE A 81 -0.25 12.69 18.23
CA ILE A 81 0.13 13.64 17.17
C ILE A 81 -1.04 13.85 16.18
N ALA A 82 -1.67 12.77 15.74
CA ALA A 82 -2.82 12.87 14.87
C ALA A 82 -3.60 11.57 14.96
N PRO A 83 -4.92 11.64 14.71
CA PRO A 83 -5.69 10.41 14.63
C PRO A 83 -5.22 9.60 13.43
N VAL A 84 -5.20 8.28 13.59
CA VAL A 84 -4.78 7.37 12.56
C VAL A 84 -5.81 6.25 12.40
N ARG A 85 -6.14 5.96 11.15
CA ARG A 85 -6.97 4.84 10.77
C ARG A 85 -6.32 4.05 9.64
N ALA A 86 -6.76 2.81 9.46
CA ALA A 86 -6.23 1.98 8.41
C ALA A 86 -7.38 1.41 7.56
N VAL A 87 -7.13 1.33 6.25
CA VAL A 87 -8.06 0.83 5.26
C VAL A 87 -7.53 -0.52 4.81
N PRO A 88 -8.32 -1.58 4.96
CA PRO A 88 -7.86 -2.87 4.42
C PRO A 88 -8.01 -2.96 2.90
N GLN A 89 -7.17 -3.79 2.27
CA GLN A 89 -7.38 -4.16 0.88
C GLN A 89 -8.16 -5.46 0.93
N PRO A 90 -9.41 -5.44 0.44
CA PRO A 90 -10.27 -6.61 0.57
C PRO A 90 -9.77 -7.79 -0.26
N GLY A 91 -9.88 -9.00 0.30
CA GLY A 91 -9.50 -10.23 -0.39
C GLY A 91 -8.32 -10.98 0.24
N TYR A 92 -7.60 -10.35 1.18
CA TYR A 92 -6.46 -10.98 1.88
C TYR A 92 -6.87 -11.77 3.12
N GLU A 93 -8.15 -11.69 3.49
CA GLU A 93 -8.70 -12.42 4.64
C GLU A 93 -9.85 -13.32 4.19
N GLU A 94 -10.04 -14.42 4.91
CA GLU A 94 -11.05 -15.41 4.53
C GLU A 94 -12.43 -14.82 4.40
N GLY A 95 -13.16 -15.30 3.39
CA GLY A 95 -14.52 -14.85 3.15
C GLY A 95 -14.63 -13.50 2.46
N GLU A 96 -13.51 -12.90 2.07
CA GLU A 96 -13.54 -11.64 1.33
C GLU A 96 -13.32 -11.86 -0.16
N PRO A 97 -14.16 -11.25 -1.00
CA PRO A 97 -13.92 -11.35 -2.44
C PRO A 97 -12.85 -10.37 -2.91
N LEU A 98 -12.36 -10.59 -4.12
CA LEU A 98 -11.32 -9.74 -4.70
C LEU A 98 -11.96 -8.71 -5.61
N PRO A 99 -11.38 -7.51 -5.71
CA PRO A 99 -11.96 -6.56 -6.66
C PRO A 99 -11.74 -7.00 -8.10
N SER A 100 -12.73 -6.72 -8.96
N SER A 100 -12.70 -6.73 -8.98
CA SER A 100 -12.64 -6.96 -10.40
CA SER A 100 -12.54 -7.00 -10.39
C SER A 100 -11.80 -5.88 -11.09
C SER A 100 -11.86 -5.86 -11.12
N SER A 101 -11.63 -4.75 -10.42
CA SER A 101 -10.96 -3.60 -11.01
C SER A 101 -10.47 -2.69 -9.91
N MET A 102 -9.58 -1.76 -10.25
CA MET A 102 -9.16 -0.73 -9.32
C MET A 102 -10.34 0.14 -8.90
N ALA A 103 -11.27 0.39 -9.82
CA ALA A 103 -12.47 1.17 -9.54
C ALA A 103 -13.33 0.53 -8.43
N ALA A 104 -13.49 -0.79 -8.48
CA ALA A 104 -14.29 -1.50 -7.50
C ALA A 104 -13.76 -1.35 -6.07
N VAL A 105 -12.47 -1.64 -5.89
CA VAL A 105 -11.87 -1.52 -4.57
C VAL A 105 -11.86 -0.05 -4.11
N ALA A 106 -11.54 0.88 -5.00
CA ALA A 106 -11.51 2.29 -4.61
C ALA A 106 -12.91 2.77 -4.17
N ALA A 107 -13.93 2.29 -4.87
CA ALA A 107 -15.32 2.68 -4.56
C ALA A 107 -15.74 2.24 -3.17
N VAL A 108 -15.44 0.98 -2.82
CA VAL A 108 -15.90 0.48 -1.52
C VAL A 108 -15.07 1.07 -0.38
N GLN A 109 -13.79 1.35 -0.65
CA GLN A 109 -12.94 2.02 0.33
C GLN A 109 -13.40 3.46 0.55
N ALA A 110 -13.70 4.15 -0.54
CA ALA A 110 -14.21 5.52 -0.44
C ALA A 110 -15.53 5.58 0.32
N ASP A 111 -16.40 4.59 0.12
CA ASP A 111 -17.66 4.47 0.89
C ASP A 111 -17.38 4.46 2.38
N ALA A 112 -16.45 3.60 2.80
CA ALA A 112 -16.08 3.47 4.21
C ALA A 112 -15.42 4.72 4.79
N VAL A 113 -14.54 5.36 4.02
CA VAL A 113 -13.92 6.63 4.46
C VAL A 113 -14.99 7.71 4.68
N ILE A 114 -15.90 7.88 3.72
CA ILE A 114 -16.94 8.90 3.82
C ILE A 114 -17.89 8.60 4.99
N ARG A 115 -18.27 7.32 5.13
CA ARG A 115 -19.09 6.85 6.26
C ARG A 115 -18.45 7.19 7.63
N THR A 116 -17.15 6.99 7.74
CA THR A 116 -16.42 7.14 9.01
C THR A 116 -16.02 8.59 9.29
N GLN A 117 -15.54 9.30 8.27
CA GLN A 117 -14.98 10.64 8.46
C GLN A 117 -16.04 11.72 8.53
N GLY A 118 -17.15 11.53 7.82
CA GLY A 118 -18.14 12.59 7.63
C GLY A 118 -17.49 13.71 6.82
N ASP A 119 -17.47 14.91 7.40
CA ASP A 119 -16.71 16.02 6.82
C ASP A 119 -15.45 16.38 7.61
N LYS A 120 -15.01 15.50 8.52
CA LYS A 120 -13.70 15.66 9.17
C LYS A 120 -12.59 15.44 8.14
N PRO A 121 -11.64 16.39 8.03
CA PRO A 121 -10.61 16.27 7.00
C PRO A 121 -9.63 15.12 7.26
N PHE A 122 -8.92 14.72 6.20
CA PHE A 122 -7.97 13.63 6.31
C PHE A 122 -6.92 13.69 5.23
N VAL A 123 -5.84 12.95 5.46
CA VAL A 123 -4.90 12.63 4.42
C VAL A 123 -4.93 11.12 4.22
N VAL A 124 -4.50 10.68 3.05
CA VAL A 124 -4.41 9.26 2.74
C VAL A 124 -2.95 8.88 2.51
N ALA A 125 -2.53 7.76 3.11
CA ALA A 125 -1.14 7.31 3.03
C ALA A 125 -1.07 5.85 2.67
N GLY A 126 0.03 5.46 2.05
CA GLY A 126 0.32 4.06 1.70
C GLY A 126 1.80 3.85 1.41
N HIS A 127 2.22 2.59 1.44
CA HIS A 127 3.62 2.23 1.27
C HIS A 127 3.76 1.29 0.08
N SER A 128 4.77 1.55 -0.75
CA SER A 128 5.06 0.67 -1.90
C SER A 128 3.83 0.56 -2.81
N ALA A 129 3.39 -0.63 -3.23
CA ALA A 129 2.14 -0.73 -4.02
C ALA A 129 0.90 -0.21 -3.26
N GLY A 130 0.95 -0.28 -1.94
CA GLY A 130 -0.04 0.39 -1.10
C GLY A 130 -0.16 1.89 -1.34
N ALA A 131 0.92 2.52 -1.80
CA ALA A 131 0.92 3.95 -2.15
C ALA A 131 0.07 4.19 -3.41
N LEU A 132 0.14 3.27 -4.35
CA LEU A 132 -0.68 3.30 -5.55
C LEU A 132 -2.14 3.13 -5.17
N MET A 133 -2.42 2.21 -4.27
CA MET A 133 -3.77 2.00 -3.75
C MET A 133 -4.24 3.25 -3.00
N ALA A 134 -3.36 3.86 -2.22
CA ALA A 134 -3.68 5.11 -1.54
C ALA A 134 -4.05 6.22 -2.52
N TYR A 135 -3.28 6.35 -3.59
CA TYR A 135 -3.52 7.41 -4.57
C TYR A 135 -4.82 7.16 -5.35
N ALA A 136 -5.11 5.90 -5.68
CA ALA A 136 -6.37 5.55 -6.34
C ALA A 136 -7.56 5.93 -5.44
N LEU A 137 -7.42 5.66 -4.15
CA LEU A 137 -8.47 5.99 -3.19
C LEU A 137 -8.65 7.50 -3.09
N ALA A 138 -7.54 8.22 -2.97
CA ALA A 138 -7.56 9.67 -2.91
C ALA A 138 -8.29 10.25 -4.14
N THR A 139 -8.04 9.65 -5.30
CA THR A 139 -8.64 10.10 -6.57
C THR A 139 -10.15 9.89 -6.53
N GLU A 140 -10.56 8.70 -6.12
CA GLU A 140 -11.97 8.36 -5.98
C GLU A 140 -12.66 9.30 -5.01
N LEU A 141 -12.01 9.60 -3.89
CA LEU A 141 -12.59 10.53 -2.92
C LEU A 141 -12.72 11.94 -3.48
N LEU A 142 -11.72 12.39 -4.23
CA LEU A 142 -11.79 13.68 -4.90
C LEU A 142 -12.94 13.72 -5.90
N ASP A 143 -13.04 12.67 -6.73
CA ASP A 143 -14.12 12.54 -7.70
C ASP A 143 -15.52 12.47 -7.08
N ARG A 144 -15.59 12.29 -5.77
CA ARG A 144 -16.85 12.24 -5.07
C ARG A 144 -17.11 13.45 -4.17
N GLY A 145 -16.29 14.50 -4.28
CA GLY A 145 -16.48 15.72 -3.51
C GLY A 145 -15.91 15.68 -2.10
N HIS A 146 -15.13 14.64 -1.80
CA HIS A 146 -14.48 14.50 -0.49
C HIS A 146 -12.99 14.45 -0.65
N PRO A 147 -12.39 15.47 -1.28
CA PRO A 147 -10.94 15.38 -1.42
C PRO A 147 -10.20 15.26 -0.09
N PRO A 148 -9.16 14.41 -0.04
CA PRO A 148 -8.24 14.52 1.07
C PRO A 148 -7.49 15.84 1.02
N ARG A 149 -6.99 16.30 2.17
CA ARG A 149 -6.08 17.45 2.23
C ARG A 149 -4.74 17.14 1.56
N GLY A 150 -4.40 15.86 1.46
CA GLY A 150 -3.20 15.46 0.74
C GLY A 150 -2.98 13.96 0.75
N VAL A 151 -1.92 13.55 0.07
CA VAL A 151 -1.57 12.14 -0.04
C VAL A 151 -0.11 11.93 0.34
N VAL A 152 0.15 10.89 1.13
CA VAL A 152 1.50 10.54 1.53
C VAL A 152 1.85 9.20 0.89
N LEU A 153 2.82 9.25 -0.03
CA LEU A 153 3.25 8.09 -0.81
C LEU A 153 4.61 7.64 -0.31
N ILE A 154 4.62 6.50 0.38
CA ILE A 154 5.85 6.04 1.00
C ILE A 154 6.49 5.00 0.09
N ASP A 155 7.64 5.36 -0.48
CA ASP A 155 8.44 4.48 -1.35
C ASP A 155 7.61 3.89 -2.48
N VAL A 156 6.90 4.78 -3.18
CA VAL A 156 6.09 4.40 -4.32
C VAL A 156 6.97 4.25 -5.57
N TYR A 157 6.70 3.17 -6.29
CA TYR A 157 7.33 2.90 -7.58
C TYR A 157 6.20 2.78 -8.59
N PRO A 158 5.95 3.85 -9.35
CA PRO A 158 4.84 3.87 -10.27
C PRO A 158 5.11 3.13 -11.58
N PRO A 159 4.04 2.65 -12.23
CA PRO A 159 4.17 1.98 -13.51
C PRO A 159 4.36 3.01 -14.62
N GLN A 162 9.86 1.57 -12.36
CA GLN A 162 9.89 0.34 -11.53
C GLN A 162 11.13 -0.52 -11.73
N ASP A 163 12.11 -0.04 -12.47
CA ASP A 163 13.31 -0.82 -12.78
C ASP A 163 13.98 -1.41 -11.53
N ALA A 164 14.13 -0.61 -10.47
CA ALA A 164 14.76 -1.07 -9.23
C ALA A 164 13.97 -2.21 -8.59
N MET A 165 12.66 -2.06 -8.54
CA MET A 165 11.81 -3.12 -7.99
C MET A 165 11.93 -4.40 -8.81
N ASN A 166 11.98 -4.28 -10.13
CA ASN A 166 12.17 -5.44 -11.00
C ASN A 166 13.52 -6.12 -10.78
N ALA A 167 14.58 -5.32 -10.70
CA ALA A 167 15.93 -5.83 -10.42
C ALA A 167 16.05 -6.48 -9.03
N TRP A 168 15.24 -6.01 -8.08
CA TRP A 168 15.29 -6.52 -6.72
C TRP A 168 14.19 -7.54 -6.38
N LEU A 169 13.44 -8.05 -7.36
CA LEU A 169 12.30 -8.94 -7.05
C LEU A 169 12.68 -10.13 -6.15
N GLU A 170 13.84 -10.72 -6.40
CA GLU A 170 14.31 -11.86 -5.61
C GLU A 170 14.60 -11.43 -4.17
N GLU A 171 15.38 -10.36 -4.03
CA GLU A 171 15.71 -9.79 -2.73
C GLU A 171 14.45 -9.41 -1.94
N LEU A 172 13.51 -8.76 -2.62
CA LEU A 172 12.22 -8.38 -2.02
C LEU A 172 11.51 -9.60 -1.49
N THR A 173 11.47 -10.66 -2.30
CA THR A 173 10.75 -11.88 -1.92
C THR A 173 11.40 -12.53 -0.69
N ALA A 174 12.72 -12.65 -0.68
CA ALA A 174 13.41 -13.22 0.47
C ALA A 174 13.17 -12.39 1.73
N THR A 175 13.14 -11.07 1.58
CA THR A 175 12.95 -10.20 2.74
C THR A 175 11.53 -10.33 3.26
N LEU A 176 10.56 -10.52 2.38
CA LEU A 176 9.17 -10.73 2.81
C LEU A 176 9.04 -11.95 3.72
N PHE A 177 9.73 -13.05 3.39
CA PHE A 177 9.75 -14.22 4.26
C PHE A 177 10.46 -13.94 5.59
N ASP A 178 11.53 -13.15 5.59
CA ASP A 178 12.22 -12.76 6.82
C ASP A 178 11.33 -11.94 7.75
N ARG A 179 10.36 -11.22 7.16
CA ARG A 179 9.50 -10.31 7.92
C ARG A 179 8.04 -10.77 7.89
N GLU A 180 7.84 -12.09 7.79
CA GLU A 180 6.53 -12.67 7.68
C GLU A 180 5.84 -12.73 9.05
N THR A 181 5.42 -11.58 9.54
CA THR A 181 4.73 -11.50 10.82
C THR A 181 3.26 -11.88 10.70
N VAL A 182 2.72 -11.82 9.49
CA VAL A 182 1.46 -12.45 9.16
C VAL A 182 1.72 -13.50 8.09
N ARG A 183 1.24 -14.71 8.35
CA ARG A 183 1.50 -15.87 7.49
C ARG A 183 0.95 -15.71 6.04
N MET A 184 1.79 -16.01 5.06
CA MET A 184 1.36 -15.96 3.65
C MET A 184 0.56 -17.21 3.29
N ASP A 185 -0.73 -17.18 3.59
CA ASP A 185 -1.62 -18.27 3.23
C ASP A 185 -2.05 -18.14 1.75
N ASP A 186 -2.82 -19.10 1.26
CA ASP A 186 -3.20 -19.10 -0.15
C ASP A 186 -4.15 -17.95 -0.51
N THR A 187 -5.00 -17.56 0.45
CA THR A 187 -5.86 -16.40 0.27
C THR A 187 -5.00 -15.15 0.01
N ARG A 188 -3.95 -14.99 0.79
CA ARG A 188 -3.06 -13.86 0.67
C ARG A 188 -2.23 -13.88 -0.62
N LEU A 189 -1.78 -15.07 -1.02
CA LEU A 189 -0.92 -15.19 -2.19
C LEU A 189 -1.71 -14.96 -3.48
N THR A 190 -2.92 -15.52 -3.55
CA THR A 190 -3.79 -15.26 -4.69
C THR A 190 -4.22 -13.78 -4.73
N ALA A 191 -4.43 -13.15 -3.57
CA ALA A 191 -4.76 -11.73 -3.52
C ALA A 191 -3.59 -10.89 -4.04
N LEU A 192 -2.38 -11.24 -3.60
CA LEU A 192 -1.16 -10.62 -4.12
C LEU A 192 -1.13 -10.63 -5.65
N GLY A 193 -1.43 -11.79 -6.24
CA GLY A 193 -1.53 -11.92 -7.68
C GLY A 193 -2.53 -10.94 -8.28
N ALA A 194 -3.75 -10.96 -7.79
CA ALA A 194 -4.79 -10.07 -8.27
C ALA A 194 -4.39 -8.59 -8.18
N TYR A 195 -3.92 -8.15 -7.01
CA TYR A 195 -3.58 -6.74 -6.82
C TYR A 195 -2.34 -6.34 -7.63
N ASP A 196 -1.36 -7.24 -7.70
CA ASP A 196 -0.16 -6.98 -8.49
C ASP A 196 -0.53 -6.71 -9.96
N ARG A 197 -1.44 -7.50 -10.50
CA ARG A 197 -1.93 -7.26 -11.86
C ARG A 197 -2.73 -5.96 -11.97
N LEU A 198 -3.63 -5.71 -11.02
CA LEU A 198 -4.44 -4.48 -11.05
C LEU A 198 -3.57 -3.21 -11.00
N THR A 199 -2.62 -3.16 -10.08
CA THR A 199 -1.77 -1.98 -9.97
C THR A 199 -0.81 -1.86 -11.15
N GLY A 200 -0.37 -3.00 -11.69
CA GLY A 200 0.53 -3.00 -12.85
C GLY A 200 -0.11 -2.44 -14.11
N GLN A 201 -1.42 -2.66 -14.26
CA GLN A 201 -2.17 -2.20 -15.43
C GLN A 201 -2.78 -0.82 -15.25
N TRP A 202 -2.83 -0.33 -14.02
CA TRP A 202 -3.48 0.92 -13.70
C TRP A 202 -2.53 2.09 -13.96
N ARG A 203 -3.08 3.27 -14.27
CA ARG A 203 -2.26 4.49 -14.37
C ARG A 203 -2.85 5.60 -13.53
N PRO A 204 -2.03 6.26 -12.70
CA PRO A 204 -2.53 7.34 -11.86
C PRO A 204 -2.98 8.55 -12.67
N ARG A 205 -4.03 9.23 -12.22
CA ARG A 205 -4.48 10.45 -12.87
C ARG A 205 -4.01 11.68 -12.08
N GLU A 206 -3.72 12.75 -12.82
CA GLU A 206 -3.46 14.04 -12.21
C GLU A 206 -4.65 14.46 -11.36
N THR A 207 -4.40 14.91 -10.13
CA THR A 207 -5.48 15.39 -9.26
C THR A 207 -5.29 16.81 -8.75
N GLY A 208 -4.05 17.31 -8.73
CA GLY A 208 -3.72 18.56 -8.05
C GLY A 208 -3.67 18.45 -6.52
N LEU A 209 -3.73 17.23 -5.97
CA LEU A 209 -3.66 17.06 -4.52
C LEU A 209 -2.25 17.29 -3.99
N PRO A 210 -2.12 18.01 -2.87
CA PRO A 210 -0.84 18.02 -2.20
C PRO A 210 -0.36 16.57 -1.97
N THR A 211 0.90 16.32 -2.31
CA THR A 211 1.46 14.97 -2.30
C THR A 211 2.84 15.01 -1.67
N LEU A 212 3.08 14.11 -0.73
CA LEU A 212 4.37 13.98 -0.07
C LEU A 212 4.92 12.60 -0.36
N LEU A 213 6.02 12.57 -1.11
CA LEU A 213 6.78 11.38 -1.38
C LEU A 213 7.77 11.19 -0.25
N VAL A 214 7.67 10.06 0.43
CA VAL A 214 8.60 9.72 1.51
C VAL A 214 9.48 8.60 0.98
N SER A 215 10.77 8.89 0.82
N SER A 215 10.76 8.89 0.79
CA SER A 215 11.69 7.99 0.17
CA SER A 215 11.68 7.97 0.16
C SER A 215 12.61 7.30 1.17
C SER A 215 12.59 7.29 1.18
N ALA A 216 12.93 6.03 0.90
CA ALA A 216 13.96 5.31 1.64
C ALA A 216 15.28 6.04 1.50
N GLY A 217 16.12 5.93 2.54
CA GLY A 217 17.42 6.60 2.57
C GLY A 217 18.47 5.83 1.78
N GLU A 218 18.20 4.56 1.48
CA GLU A 218 19.16 3.71 0.80
C GLU A 218 18.50 2.56 0.02
N PRO A 219 19.18 2.10 -1.05
CA PRO A 219 18.69 1.01 -1.86
C PRO A 219 18.89 -0.32 -1.18
N MET A 220 18.18 -1.35 -1.61
CA MET A 220 18.43 -2.69 -1.06
C MET A 220 19.60 -3.41 -1.74
N GLY A 221 20.15 -2.82 -2.80
CA GLY A 221 21.35 -3.35 -3.42
C GLY A 221 22.15 -2.23 -4.03
N PRO A 222 23.36 -2.54 -4.54
CA PRO A 222 24.17 -1.50 -5.14
C PRO A 222 23.52 -0.91 -6.39
N TRP A 223 23.67 0.40 -6.59
CA TRP A 223 23.15 1.06 -7.78
C TRP A 223 24.19 2.07 -8.31
N PRO A 224 24.33 2.17 -9.64
CA PRO A 224 25.40 3.00 -10.20
C PRO A 224 25.12 4.49 -10.08
N ASP A 225 23.84 4.87 -10.19
CA ASP A 225 23.40 6.27 -10.06
C ASP A 225 22.27 6.33 -9.03
N ASP A 226 21.53 7.44 -9.02
CA ASP A 226 20.45 7.61 -8.05
C ASP A 226 19.08 7.18 -8.60
N SER A 227 19.05 6.47 -9.73
CA SER A 227 17.78 6.06 -10.34
C SER A 227 17.10 4.83 -9.72
N TRP A 228 17.53 4.42 -8.53
CA TRP A 228 16.86 3.34 -7.76
C TRP A 228 15.69 3.83 -6.91
N LYS A 229 15.61 5.16 -6.74
CA LYS A 229 14.69 5.79 -5.80
C LYS A 229 13.24 5.72 -6.22
N PRO A 230 12.32 5.83 -5.24
CA PRO A 230 10.93 5.98 -5.63
C PRO A 230 10.73 7.29 -6.38
N THR A 231 9.73 7.35 -7.25
CA THR A 231 9.41 8.58 -7.98
C THR A 231 7.91 8.76 -8.04
N TRP A 232 7.47 9.92 -8.50
CA TRP A 232 6.05 10.16 -8.74
C TRP A 232 5.92 11.17 -9.88
N PRO A 233 5.01 10.90 -10.84
CA PRO A 233 4.97 11.73 -12.04
C PRO A 233 4.27 13.06 -11.92
N PHE A 234 3.57 13.29 -10.81
CA PHE A 234 2.85 14.54 -10.61
C PHE A 234 3.51 15.34 -9.48
N GLU A 235 3.18 16.62 -9.43
CA GLU A 235 3.81 17.54 -8.49
C GLU A 235 3.68 17.03 -7.06
N HIS A 236 4.77 17.09 -6.31
CA HIS A 236 4.80 16.54 -4.95
C HIS A 236 6.01 17.09 -4.23
N ASP A 237 5.96 17.13 -2.91
CA ASP A 237 7.15 17.42 -2.11
C ASP A 237 7.79 16.09 -1.76
N THR A 238 9.07 16.14 -1.40
CA THR A 238 9.83 14.91 -1.16
C THR A 238 10.68 15.02 0.09
N VAL A 239 10.66 13.98 0.91
CA VAL A 239 11.59 13.83 2.05
C VAL A 239 12.21 12.43 2.02
N ALA A 240 13.39 12.31 2.61
CA ALA A 240 14.05 11.02 2.74
C ALA A 240 14.16 10.69 4.22
N VAL A 241 14.02 9.41 4.56
CA VAL A 241 14.15 8.94 5.92
C VAL A 241 15.18 7.82 6.00
N PRO A 242 15.68 7.54 7.21
CA PRO A 242 16.61 6.42 7.33
C PRO A 242 15.93 5.09 6.99
N GLY A 243 16.72 4.18 6.43
CA GLY A 243 16.27 2.83 6.22
C GLY A 243 16.08 2.52 4.74
N ASP A 244 15.86 1.24 4.47
CA ASP A 244 15.59 0.82 3.11
C ASP A 244 14.08 0.67 2.91
N HIS A 245 13.71 0.18 1.74
CA HIS A 245 12.32 -0.02 1.35
C HIS A 245 11.46 -0.60 2.47
N PHE A 246 12.02 -1.52 3.26
CA PHE A 246 11.29 -2.19 4.33
C PHE A 246 11.45 -1.51 5.68
N THR A 247 12.69 -1.22 6.08
CA THR A 247 12.93 -0.75 7.45
C THR A 247 12.45 0.69 7.65
N MET A 248 12.33 1.45 6.57
CA MET A 248 11.90 2.85 6.65
C MET A 248 10.58 3.02 7.40
N VAL A 249 9.64 2.09 7.19
CA VAL A 249 8.28 2.23 7.70
C VAL A 249 8.00 1.31 8.91
N GLN A 250 9.03 0.59 9.37
CA GLN A 250 8.91 -0.25 10.56
C GLN A 250 9.95 0.20 11.59
N GLU A 251 11.21 -0.23 11.45
CA GLU A 251 12.28 0.19 12.36
C GLU A 251 12.34 1.72 12.48
N HIS A 252 12.13 2.43 11.36
CA HIS A 252 12.23 3.89 11.32
C HIS A 252 10.92 4.62 11.10
N ALA A 253 9.81 4.01 11.48
CA ALA A 253 8.49 4.64 11.38
C ALA A 253 8.43 5.97 12.11
N ASP A 254 9.19 6.11 13.20
CA ASP A 254 9.18 7.36 13.96
C ASP A 254 9.63 8.53 13.09
N ALA A 255 10.64 8.31 12.24
CA ALA A 255 11.09 9.36 11.33
C ALA A 255 9.98 9.75 10.36
N ILE A 256 9.25 8.76 9.86
CA ILE A 256 8.12 9.06 8.99
C ILE A 256 7.03 9.82 9.75
N ALA A 257 6.75 9.42 10.99
CA ALA A 257 5.79 10.13 11.82
C ALA A 257 6.15 11.61 11.97
N ARG A 258 7.42 11.91 12.17
CA ARG A 258 7.84 13.31 12.36
C ARG A 258 7.65 14.15 11.09
N HIS A 259 7.95 13.58 9.92
CA HIS A 259 7.70 14.26 8.65
C HIS A 259 6.20 14.49 8.41
N ILE A 260 5.37 13.52 8.74
CA ILE A 260 3.94 13.68 8.62
C ILE A 260 3.44 14.78 9.57
N ASP A 261 3.94 14.77 10.80
CA ASP A 261 3.63 15.82 11.76
C ASP A 261 3.95 17.22 11.15
N ALA A 262 5.17 17.39 10.64
CA ALA A 262 5.57 18.67 10.05
C ALA A 262 4.68 19.02 8.85
N TRP A 263 4.45 18.05 7.98
CA TRP A 263 3.71 18.31 6.76
C TRP A 263 2.27 18.71 7.07
N LEU A 264 1.67 18.12 8.10
CA LEU A 264 0.33 18.51 8.52
C LEU A 264 0.28 19.90 9.16
N GLY A 265 1.44 20.45 9.52
CA GLY A 265 1.50 21.70 10.26
C GLY A 265 1.19 22.90 9.38
PAG 57H B . 6.01 -3.09 -2.78
OAD 57H B . 4.53 -3.44 -2.69
OAB 57H B . 7.01 -3.66 -1.78
CAF 57H B . 6.61 -3.44 -4.47
OH2 1PE C . 3.00 -10.74 15.17
C12 1PE C . 2.15 -9.80 14.51
C22 1PE C . 2.90 -8.49 14.31
OH3 1PE C . 2.28 -7.69 13.29
C13 1PE C . 4.17 -6.77 12.13
C23 1PE C . 2.99 -6.46 13.03
OH4 1PE C . 4.70 -5.60 11.49
C14 1PE C . 4.49 -5.87 9.11
C24 1PE C . 5.44 -5.93 10.30
OH5 1PE C . 5.14 -6.23 7.88
C15 1PE C . 5.47 -5.41 5.59
C25 1PE C . 4.51 -5.62 6.75
OH6 1PE C . 4.76 -4.99 4.43
C16 1PE C . 5.75 -4.02 2.42
C26 1PE C . 5.42 -5.29 3.20
OH7 1PE C . 5.75 -4.32 1.02
CA CA D . -22.14 -6.90 -10.73
#